data_1FGS
#
_entry.id   1FGS
#
_cell.length_a   54.000
_cell.length_b   46.100
_cell.length_c   84.900
_cell.angle_alpha   90.00
_cell.angle_beta   107.30
_cell.angle_gamma   90.00
#
_symmetry.space_group_name_H-M   'P 1 21 1'
#
loop_
_entity.id
_entity.type
_entity.pdbx_description
1 polymer 'FOLYLPOLYGLUTAMATE SYNTHETASE'
2 non-polymer 'MAGNESIUM ION'
3 non-polymer 'PYROPHOSPHATE 2-'
4 water water
#
_entity_poly.entity_id   1
_entity_poly.type   'polypeptide(L)'
_entity_poly.pdbx_seq_one_letter_code
;MNYTETVAYIHSFPRLAKTGDHRRILTLLHALGNPQQQGRYIHVTGTNGKGSAANAIAHVLEASGLTVGLYTSPFIMRFN
ERIMIDHEPIPDAALVNAVAFVRAALERLQQQQADFNVTEFEFITALAYWYFRQRQVDVAVIEVGIGGDTDSTNVITPVV
SVLTEVALDHQKLLGHTITAIAKHKAGIIKRGIPVVTGNLVPDAAAVVAAKVATTGSQWLRFDRDFSVPKAKLHGWGQRF
TYEDQDGRISDLEVPLVGDYQQRNMAIAIQTAKVYAKQTEWPLTPQNIRQGLAASHWPARLEKISDTPLIVIDGAHNPDG
INGLITALKQLFSQPITVIAGILADKDYAAMADRLTAAFSTVYLVPVPGTPRALPEAGYEALHEGRLKDSWQEALAASLN
DVPDQPIVITGSLYLASAVRQTLLGGKS
;
_entity_poly.pdbx_strand_id   A
#
loop_
_chem_comp.id
_chem_comp.type
_chem_comp.name
_chem_comp.formula
MG non-polymer 'MAGNESIUM ION' 'Mg 2'
POP non-polymer 'PYROPHOSPHATE 2-' 'H2 O7 P2 -2'
#
# COMPACT_ATOMS: atom_id res chain seq x y z
N MET A 1 17.73 -24.62 -2.70
CA MET A 1 17.66 -24.11 -1.33
C MET A 1 16.32 -24.44 -0.70
N ASN A 2 16.19 -24.00 0.55
CA ASN A 2 14.94 -24.11 1.27
C ASN A 2 14.41 -22.68 1.20
N TYR A 3 13.26 -22.44 1.83
CA TYR A 3 12.60 -21.14 1.90
C TYR A 3 13.44 -20.09 2.64
N THR A 4 14.04 -20.54 3.73
CA THR A 4 14.91 -19.77 4.60
C THR A 4 16.23 -19.36 3.97
N GLU A 5 16.73 -20.19 3.06
CA GLU A 5 17.94 -19.88 2.33
C GLU A 5 17.57 -18.98 1.16
N THR A 6 16.34 -19.12 0.69
CA THR A 6 15.77 -18.37 -0.43
C THR A 6 15.48 -16.90 -0.10
N VAL A 7 14.96 -16.64 1.09
CA VAL A 7 14.65 -15.27 1.53
C VAL A 7 15.93 -14.51 1.94
N ALA A 8 16.93 -15.26 2.41
CA ALA A 8 18.24 -14.73 2.80
C ALA A 8 19.09 -14.41 1.57
N TYR A 9 18.85 -15.15 0.49
CA TYR A 9 19.54 -14.95 -0.79
C TYR A 9 18.99 -13.70 -1.52
N ILE A 10 17.70 -13.40 -1.30
CA ILE A 10 17.02 -12.23 -1.87
C ILE A 10 17.51 -10.95 -1.17
N HIS A 11 17.77 -11.06 0.13
CA HIS A 11 18.29 -9.96 0.95
C HIS A 11 19.79 -9.73 0.81
N SER A 12 20.51 -10.66 0.17
CA SER A 12 21.95 -10.55 -0.05
C SER A 12 22.35 -9.72 -1.26
N PHE A 13 21.36 -9.23 -2.02
CA PHE A 13 21.54 -8.42 -3.21
C PHE A 13 22.02 -7.02 -2.85
N PRO A 14 22.86 -6.46 -3.71
CA PRO A 14 23.48 -5.17 -3.46
C PRO A 14 22.68 -3.89 -3.57
N ARG A 15 23.45 -2.81 -3.44
CA ARG A 15 23.00 -1.43 -3.51
C ARG A 15 23.75 -0.83 -4.70
N LEU A 16 23.14 -0.93 -5.88
CA LEU A 16 23.74 -0.42 -7.11
C LEU A 16 23.33 1.02 -7.38
N ALA A 17 23.95 1.63 -8.39
CA ALA A 17 23.70 3.02 -8.78
C ALA A 17 22.35 3.26 -9.47
N GLY A 20 19.63 4.19 -12.34
CA GLY A 20 19.10 5.21 -13.23
C GLY A 20 17.91 4.70 -14.06
N ASP A 21 18.19 4.24 -15.27
CA ASP A 21 17.16 3.71 -16.17
C ASP A 21 16.90 2.22 -15.90
N HIS A 22 15.97 1.64 -16.64
CA HIS A 22 15.61 0.25 -16.39
C HIS A 22 16.37 -0.88 -17.07
N ARG A 23 17.60 -0.65 -17.54
CA ARG A 23 18.42 -1.62 -18.27
C ARG A 23 18.79 -2.97 -17.65
N ARG A 24 19.16 -2.95 -16.38
CA ARG A 24 19.53 -4.14 -15.60
C ARG A 24 18.34 -5.07 -15.34
N ILE A 25 17.19 -4.48 -15.05
CA ILE A 25 15.98 -5.27 -14.82
C ILE A 25 15.36 -5.78 -16.13
N LEU A 26 15.57 -5.03 -17.22
CA LEU A 26 15.07 -5.38 -18.55
C LEU A 26 15.89 -6.49 -19.20
N THR A 27 17.15 -6.55 -18.80
CA THR A 27 18.12 -7.55 -19.23
C THR A 27 17.77 -8.86 -18.55
N LEU A 28 17.39 -8.75 -17.27
CA LEU A 28 16.96 -9.87 -16.45
C LEU A 28 15.60 -10.40 -16.91
N LEU A 29 14.70 -9.48 -17.26
CA LEU A 29 13.35 -9.79 -17.75
C LEU A 29 13.28 -10.40 -19.15
N HIS A 30 14.32 -10.17 -19.95
CA HIS A 30 14.46 -10.73 -21.29
C HIS A 30 14.92 -12.18 -21.15
N ALA A 31 15.67 -12.46 -20.07
CA ALA A 31 16.13 -13.80 -19.71
C ALA A 31 14.97 -14.63 -19.13
N LEU A 32 13.93 -13.94 -18.64
CA LEU A 32 12.72 -14.56 -18.12
C LEU A 32 11.63 -14.63 -19.21
N GLY A 33 11.93 -14.19 -20.43
CA GLY A 33 10.97 -14.28 -21.51
C GLY A 33 9.94 -13.17 -21.63
N ASN A 34 10.33 -11.99 -21.14
CA ASN A 34 9.52 -10.75 -21.11
C ASN A 34 8.07 -10.82 -20.59
N PRO A 35 7.84 -11.25 -19.33
CA PRO A 35 6.48 -11.38 -18.80
C PRO A 35 5.75 -10.08 -18.50
N GLN A 36 6.51 -8.98 -18.41
CA GLN A 36 6.01 -7.62 -18.21
C GLN A 36 5.34 -7.05 -19.47
N GLN A 37 5.59 -7.66 -20.63
CA GLN A 37 4.97 -7.27 -21.90
C GLN A 37 3.63 -7.96 -22.14
N GLN A 38 3.35 -9.00 -21.36
CA GLN A 38 2.09 -9.71 -21.53
C GLN A 38 1.18 -9.43 -20.34
N GLY A 39 -0.12 -9.63 -20.51
CA GLY A 39 -1.08 -9.42 -19.43
C GLY A 39 -1.53 -7.97 -19.23
N ARG A 40 -2.46 -7.78 -18.30
CA ARG A 40 -2.98 -6.46 -17.99
C ARG A 40 -2.46 -6.00 -16.66
N TYR A 41 -2.24 -4.70 -16.53
CA TYR A 41 -1.69 -4.12 -15.30
C TYR A 41 -2.39 -2.83 -14.91
N ILE A 42 -2.36 -2.55 -13.61
CA ILE A 42 -2.87 -1.30 -13.10
C ILE A 42 -1.66 -0.74 -12.36
N HIS A 43 -1.24 0.46 -12.76
CA HIS A 43 -0.05 1.08 -12.17
C HIS A 43 -0.36 2.15 -11.14
N VAL A 44 0.09 1.92 -9.90
CA VAL A 44 -0.19 2.84 -8.80
C VAL A 44 1.01 3.47 -8.12
N THR A 45 1.04 4.80 -8.12
CA THR A 45 2.10 5.51 -7.47
C THR A 45 1.45 6.62 -6.67
N GLY A 46 2.22 7.32 -5.84
CA GLY A 46 1.69 8.40 -5.01
C GLY A 46 2.54 8.46 -3.73
N THR A 47 2.53 9.58 -3.02
CA THR A 47 3.34 9.71 -1.79
C THR A 47 2.73 9.04 -0.58
N ASN A 48 1.39 9.03 -0.53
CA ASN A 48 0.61 8.42 0.56
C ASN A 48 -0.61 7.76 -0.07
N GLY A 49 -1.22 6.80 0.63
CA GLY A 49 -2.46 6.16 0.16
C GLY A 49 -2.44 5.20 -1.04
N LYS A 50 -1.24 4.89 -1.54
CA LYS A 50 -1.10 4.01 -2.68
C LYS A 50 -1.24 2.53 -2.36
N GLY A 51 -0.88 2.13 -1.14
CA GLY A 51 -0.99 0.74 -0.70
C GLY A 51 -2.46 0.43 -0.41
N SER A 52 -3.13 1.42 0.17
CA SER A 52 -4.54 1.35 0.53
C SER A 52 -5.48 1.35 -0.67
N ALA A 53 -5.12 2.12 -1.71
CA ALA A 53 -5.89 2.22 -2.95
C ALA A 53 -5.80 0.94 -3.76
N ALA A 54 -4.56 0.45 -3.94
CA ALA A 54 -4.19 -0.78 -4.68
C ALA A 54 -4.82 -2.06 -4.15
N ASN A 55 -4.92 -2.10 -2.82
CA ASN A 55 -5.55 -3.19 -2.08
C ASN A 55 -7.06 -3.15 -2.28
N ALA A 56 -7.61 -1.93 -2.35
CA ALA A 56 -9.04 -1.70 -2.57
C ALA A 56 -9.48 -2.02 -4.00
N ILE A 57 -8.62 -1.65 -4.97
CA ILE A 57 -8.80 -1.91 -6.41
C ILE A 57 -8.78 -3.41 -6.70
N ALA A 58 -7.85 -4.11 -6.04
CA ALA A 58 -7.69 -5.55 -6.14
C ALA A 58 -8.85 -6.33 -5.57
N HIS A 59 -9.35 -5.88 -4.42
CA HIS A 59 -10.49 -6.45 -3.71
C HIS A 59 -11.83 -6.31 -4.46
N VAL A 60 -11.98 -5.18 -5.16
CA VAL A 60 -13.18 -4.85 -5.96
C VAL A 60 -13.17 -5.66 -7.27
N LEU A 61 -11.99 -5.83 -7.86
CA LEU A 61 -11.83 -6.58 -9.11
C LEU A 61 -11.93 -8.09 -8.94
N GLU A 62 -11.53 -8.57 -7.76
CA GLU A 62 -11.58 -9.97 -7.37
C GLU A 62 -13.04 -10.40 -7.12
N ALA A 63 -13.83 -9.47 -6.58
CA ALA A 63 -15.25 -9.62 -6.29
C ALA A 63 -16.14 -9.62 -7.57
N SER A 64 -15.58 -9.16 -8.68
CA SER A 64 -16.26 -9.20 -9.97
C SER A 64 -15.91 -10.52 -10.69
N GLY A 65 -15.01 -11.33 -10.10
CA GLY A 65 -14.66 -12.62 -10.65
C GLY A 65 -13.36 -12.71 -11.42
N LEU A 66 -12.43 -11.80 -11.16
CA LEU A 66 -11.14 -11.81 -11.85
C LEU A 66 -10.05 -12.31 -10.91
N THR A 67 -9.02 -12.92 -11.48
CA THR A 67 -7.92 -13.38 -10.68
C THR A 67 -6.95 -12.22 -10.66
N VAL A 68 -6.81 -11.58 -9.51
CA VAL A 68 -5.94 -10.41 -9.38
C VAL A 68 -4.61 -10.61 -8.65
N GLY A 69 -3.52 -10.26 -9.35
CA GLY A 69 -2.18 -10.33 -8.80
C GLY A 69 -2.02 -8.99 -8.12
N LEU A 70 -1.34 -8.98 -6.97
CA LEU A 70 -1.13 -7.75 -6.21
C LEU A 70 0.31 -7.67 -5.71
N TYR A 71 1.01 -6.61 -6.12
CA TYR A 71 2.41 -6.40 -5.75
C TYR A 71 2.52 -5.18 -4.87
N THR A 72 2.86 -5.40 -3.60
CA THR A 72 2.96 -4.30 -2.67
C THR A 72 4.18 -4.31 -1.80
N SER A 73 4.33 -3.26 -1.02
CA SER A 73 5.44 -3.09 -0.08
C SER A 73 5.00 -2.08 0.99
N PRO A 74 5.35 -2.35 2.25
CA PRO A 74 6.12 -3.53 2.60
C PRO A 74 5.20 -4.63 3.06
N PHE A 75 5.79 -5.67 3.61
CA PHE A 75 4.98 -6.74 4.12
C PHE A 75 4.72 -6.40 5.58
N ILE A 76 3.75 -7.07 6.17
CA ILE A 76 3.44 -6.84 7.57
C ILE A 76 3.79 -8.04 8.44
N MET A 77 3.27 -9.22 8.08
CA MET A 77 3.53 -10.41 8.88
C MET A 77 4.68 -11.29 8.38
N ARG A 78 4.66 -11.60 7.08
CA ARG A 78 5.65 -12.46 6.46
C ARG A 78 5.99 -11.88 5.12
N PHE A 79 7.20 -12.18 4.58
CA PHE A 79 7.77 -11.73 3.28
C PHE A 79 6.88 -11.97 2.06
N ASN A 80 6.20 -13.13 2.07
CA ASN A 80 5.26 -13.62 1.06
C ASN A 80 4.02 -12.78 0.71
N GLU A 81 3.72 -11.80 1.57
CA GLU A 81 2.62 -10.83 1.44
C GLU A 81 2.84 -9.78 0.36
N ARG A 82 4.09 -9.60 -0.07
CA ARG A 82 4.45 -8.67 -1.11
C ARG A 82 3.98 -9.07 -2.52
N ILE A 83 3.79 -10.37 -2.72
CA ILE A 83 3.27 -10.90 -3.97
C ILE A 83 2.04 -11.74 -3.64
N MET A 84 0.86 -11.24 -4.00
CA MET A 84 -0.39 -11.95 -3.74
C MET A 84 -1.20 -12.19 -5.00
N ILE A 85 -2.01 -13.25 -5.02
CA ILE A 85 -2.90 -13.53 -6.14
C ILE A 85 -4.19 -13.88 -5.44
N ASP A 86 -5.22 -13.03 -5.63
CA ASP A 86 -6.54 -13.13 -4.98
C ASP A 86 -6.47 -13.03 -3.44
N HIS A 87 -5.55 -12.18 -2.96
CA HIS A 87 -5.28 -11.97 -1.54
C HIS A 87 -4.62 -13.07 -0.72
N GLU A 88 -4.00 -13.99 -1.44
CA GLU A 88 -3.30 -15.10 -0.85
C GLU A 88 -1.87 -14.83 -1.20
N PRO A 89 -1.00 -14.86 -0.18
CA PRO A 89 0.45 -14.68 -0.33
C PRO A 89 1.01 -15.92 -0.98
N ILE A 90 2.05 -15.69 -1.77
CA ILE A 90 2.79 -16.70 -2.52
C ILE A 90 3.34 -17.72 -1.55
N PRO A 91 2.88 -18.97 -1.74
CA PRO A 91 3.24 -20.12 -0.92
C PRO A 91 4.73 -20.38 -1.03
N ASP A 92 5.32 -20.68 0.14
CA ASP A 92 6.75 -20.92 0.39
C ASP A 92 7.51 -21.74 -0.61
N ALA A 93 6.89 -22.85 -1.00
CA ALA A 93 7.39 -23.77 -2.00
C ALA A 93 7.36 -23.19 -3.41
N ALA A 94 6.36 -22.33 -3.68
CA ALA A 94 6.25 -21.63 -4.96
C ALA A 94 7.28 -20.50 -5.03
N LEU A 95 7.62 -19.94 -3.87
CA LEU A 95 8.65 -18.90 -3.72
C LEU A 95 10.03 -19.54 -3.88
N VAL A 96 10.15 -20.78 -3.40
CA VAL A 96 11.38 -21.59 -3.49
C VAL A 96 11.68 -21.95 -4.95
N ASN A 97 10.62 -22.28 -5.68
CA ASN A 97 10.68 -22.61 -7.12
C ASN A 97 11.01 -21.39 -8.00
N ALA A 98 10.30 -20.27 -7.75
CA ALA A 98 10.45 -19.01 -8.48
C ALA A 98 11.80 -18.31 -8.30
N VAL A 99 12.35 -18.38 -7.09
CA VAL A 99 13.65 -17.82 -6.73
C VAL A 99 14.77 -18.62 -7.40
N ALA A 100 14.55 -19.93 -7.51
CA ALA A 100 15.45 -20.88 -8.18
C ALA A 100 15.45 -20.69 -9.69
N PHE A 101 14.30 -20.30 -10.27
CA PHE A 101 14.18 -20.05 -11.71
C PHE A 101 14.83 -18.72 -12.12
N VAL A 102 14.62 -17.68 -11.29
CA VAL A 102 15.17 -16.35 -11.54
C VAL A 102 16.69 -16.29 -11.31
N ARG A 103 17.20 -17.12 -10.38
CA ARG A 103 18.63 -17.21 -10.06
C ARG A 103 19.42 -17.94 -11.14
N ALA A 104 18.75 -18.89 -11.79
CA ALA A 104 19.28 -19.71 -12.87
C ALA A 104 19.49 -18.89 -14.14
N ALA A 105 18.55 -18.00 -14.42
CA ALA A 105 18.59 -17.09 -15.57
C ALA A 105 19.59 -15.97 -15.34
N LEU A 106 19.73 -15.57 -14.09
CA LEU A 106 20.67 -14.53 -13.64
C LEU A 106 22.10 -15.02 -13.68
N GLU A 107 22.29 -16.31 -13.40
CA GLU A 107 23.59 -16.97 -13.43
C GLU A 107 24.08 -17.21 -14.87
N ARG A 108 23.13 -17.32 -15.79
CA ARG A 108 23.35 -17.46 -17.21
C ARG A 108 23.79 -16.11 -17.78
N LEU A 109 23.19 -15.03 -17.25
CA LEU A 109 23.48 -13.65 -17.63
C LEU A 109 24.83 -13.18 -17.12
N GLN A 110 25.26 -13.76 -16.00
CA GLN A 110 26.57 -13.47 -15.42
C GLN A 110 27.68 -14.31 -16.04
N GLN A 111 27.30 -15.32 -16.83
CA GLN A 111 28.25 -16.14 -17.56
C GLN A 111 28.63 -15.37 -18.83
N GLN A 112 27.72 -14.55 -19.34
CA GLN A 112 27.99 -13.69 -20.49
C GLN A 112 28.60 -12.36 -20.02
N GLN A 113 27.82 -11.53 -19.33
CA GLN A 113 28.31 -10.25 -18.80
C GLN A 113 28.77 -10.57 -17.40
N ALA A 114 30.09 -10.71 -17.22
CA ALA A 114 30.75 -11.09 -15.95
C ALA A 114 30.52 -10.30 -14.66
N ASP A 115 30.21 -9.03 -14.81
CA ASP A 115 29.95 -8.19 -13.65
C ASP A 115 28.49 -7.73 -13.63
N PHE A 116 27.58 -8.55 -14.19
CA PHE A 116 26.14 -8.24 -14.21
C PHE A 116 25.59 -8.57 -12.82
N ASN A 117 24.69 -7.74 -12.33
CA ASN A 117 24.03 -7.93 -11.05
C ASN A 117 22.80 -7.07 -11.05
N VAL A 118 21.96 -7.23 -10.03
CA VAL A 118 20.78 -6.42 -9.93
C VAL A 118 20.65 -6.14 -8.47
N THR A 119 19.66 -5.34 -8.12
CA THR A 119 19.43 -5.04 -6.73
C THR A 119 18.39 -5.99 -6.21
N GLU A 120 18.07 -5.81 -4.92
CA GLU A 120 17.10 -6.63 -4.22
C GLU A 120 15.68 -6.41 -4.72
N PHE A 121 15.31 -5.14 -4.92
CA PHE A 121 13.99 -4.74 -5.41
C PHE A 121 13.77 -5.10 -6.87
N GLU A 122 14.84 -5.05 -7.66
CA GLU A 122 14.82 -5.43 -9.07
C GLU A 122 14.66 -6.94 -9.30
N PHE A 123 15.22 -7.72 -8.36
CA PHE A 123 15.14 -9.19 -8.37
C PHE A 123 13.73 -9.60 -8.01
N ILE A 124 13.19 -8.94 -6.97
CA ILE A 124 11.85 -9.19 -6.43
C ILE A 124 10.73 -8.82 -7.43
N THR A 125 10.88 -7.66 -8.08
CA THR A 125 9.96 -7.12 -9.11
C THR A 125 9.92 -7.99 -10.35
N ALA A 126 11.08 -8.53 -10.73
CA ALA A 126 11.22 -9.43 -11.87
C ALA A 126 10.58 -10.80 -11.59
N LEU A 127 10.69 -11.24 -10.33
CA LEU A 127 10.12 -12.50 -9.86
C LEU A 127 8.60 -12.40 -9.77
N ALA A 128 8.13 -11.23 -9.31
CA ALA A 128 6.72 -10.86 -9.16
C ALA A 128 6.02 -10.88 -10.50
N TYR A 129 6.63 -10.25 -11.50
CA TYR A 129 6.12 -10.19 -12.90
C TYR A 129 6.14 -11.54 -13.63
N TRP A 130 7.09 -12.39 -13.25
CA TRP A 130 7.20 -13.71 -13.86
C TRP A 130 6.18 -14.66 -13.20
N TYR A 131 5.98 -14.49 -11.88
CA TYR A 131 5.05 -15.30 -11.10
C TYR A 131 3.60 -15.08 -11.50
N PHE A 132 3.24 -13.82 -11.79
CA PHE A 132 1.89 -13.42 -12.26
C PHE A 132 1.51 -13.96 -13.65
N ARG A 133 2.52 -14.14 -14.49
CA ARG A 133 2.36 -14.69 -15.83
C ARG A 133 2.32 -16.20 -15.80
N GLN A 134 3.04 -16.79 -14.84
CA GLN A 134 3.09 -18.24 -14.62
C GLN A 134 1.74 -18.70 -14.07
N ARG A 135 1.19 -17.91 -13.17
CA ARG A 135 -0.11 -18.21 -12.62
C ARG A 135 -1.26 -17.73 -13.49
N GLN A 136 -0.94 -16.93 -14.51
CA GLN A 136 -1.84 -16.39 -15.54
C GLN A 136 -3.01 -15.59 -15.01
N VAL A 137 -2.71 -14.53 -14.26
CA VAL A 137 -3.74 -13.67 -13.69
C VAL A 137 -4.33 -12.80 -14.78
N ASP A 138 -5.56 -12.33 -14.54
CA ASP A 138 -6.26 -11.49 -15.50
C ASP A 138 -5.70 -10.06 -15.50
N VAL A 139 -5.25 -9.62 -14.33
CA VAL A 139 -4.66 -8.30 -14.15
C VAL A 139 -3.79 -8.33 -12.90
N ALA A 140 -2.76 -7.51 -12.89
CA ALA A 140 -1.85 -7.41 -11.76
C ALA A 140 -1.86 -5.94 -11.34
N VAL A 141 -2.12 -5.70 -10.06
CA VAL A 141 -2.10 -4.36 -9.52
C VAL A 141 -0.70 -4.10 -8.95
N ILE A 142 0.00 -3.15 -9.56
CA ILE A 142 1.37 -2.85 -9.19
C ILE A 142 1.60 -1.55 -8.45
N GLU A 143 2.03 -1.67 -7.21
CA GLU A 143 2.29 -0.50 -6.41
C GLU A 143 3.75 -0.19 -6.71
N VAL A 144 4.01 1.08 -7.02
CA VAL A 144 5.33 1.61 -7.37
C VAL A 144 6.28 1.62 -6.16
N GLY A 145 7.52 1.15 -6.37
CA GLY A 145 8.51 1.11 -5.30
C GLY A 145 9.13 2.48 -5.06
N ASP A 151 12.19 3.89 -9.84
CA ASP A 151 11.04 3.12 -10.31
C ASP A 151 11.51 1.92 -11.12
N SER A 152 11.55 0.75 -10.48
CA SER A 152 11.96 -0.49 -11.12
C SER A 152 10.76 -1.22 -11.71
N THR A 153 9.56 -0.79 -11.33
CA THR A 153 8.34 -1.39 -11.84
C THR A 153 7.91 -0.75 -13.17
N ASN A 154 8.49 0.41 -13.51
CA ASN A 154 8.13 1.14 -14.74
C ASN A 154 8.73 0.57 -16.02
N VAL A 155 8.20 -0.57 -16.44
CA VAL A 155 8.64 -1.30 -17.60
C VAL A 155 7.39 -1.89 -18.22
N ILE A 156 6.22 -1.40 -17.78
CA ILE A 156 4.94 -1.90 -18.27
C ILE A 156 4.08 -0.79 -18.91
N THR A 157 3.12 -1.19 -19.72
CA THR A 157 2.16 -0.24 -20.31
C THR A 157 0.91 -0.70 -19.59
N PRO A 158 0.39 0.11 -18.67
CA PRO A 158 -0.78 -0.31 -17.91
C PRO A 158 -2.09 -0.07 -18.63
N VAL A 159 -3.18 -0.57 -18.05
CA VAL A 159 -4.49 -0.37 -18.61
C VAL A 159 -4.96 0.99 -18.09
N VAL A 160 -4.55 1.31 -16.86
CA VAL A 160 -4.86 2.60 -16.23
C VAL A 160 -3.77 2.91 -15.18
N SER A 161 -3.40 4.18 -15.05
CA SER A 161 -2.39 4.62 -14.08
C SER A 161 -3.08 5.39 -12.96
N VAL A 162 -2.54 5.26 -11.74
CA VAL A 162 -3.12 5.94 -10.61
C VAL A 162 -2.07 6.77 -9.89
N LEU A 163 -2.36 8.02 -9.63
CA LEU A 163 -1.45 8.89 -8.91
C LEU A 163 -2.29 9.42 -7.77
N THR A 164 -2.19 8.84 -6.58
CA THR A 164 -3.01 9.27 -5.44
C THR A 164 -2.69 10.64 -4.83
N GLU A 165 -1.42 10.87 -4.52
CA GLU A 165 -1.04 12.11 -3.89
C GLU A 165 0.42 12.42 -4.07
N VAL A 166 0.71 13.72 -4.08
CA VAL A 166 2.06 14.25 -4.12
C VAL A 166 1.88 15.28 -3.02
N ALA A 167 2.27 14.89 -1.82
CA ALA A 167 2.10 15.75 -0.66
C ALA A 167 3.23 16.70 -0.41
N LEU A 168 2.87 17.84 0.21
CA LEU A 168 3.80 18.90 0.60
C LEU A 168 4.67 18.46 1.78
N ASP A 169 5.77 17.82 1.42
CA ASP A 169 6.74 17.27 2.36
C ASP A 169 8.02 17.11 1.55
N THR A 177 11.27 19.06 -3.42
CA THR A 177 10.46 20.07 -4.11
C THR A 177 9.32 19.41 -4.89
N ILE A 178 8.11 19.98 -4.78
CA ILE A 178 6.83 19.52 -5.38
C ILE A 178 6.77 19.20 -6.87
N THR A 179 7.30 20.10 -7.71
CA THR A 179 7.37 19.94 -9.17
C THR A 179 8.41 18.86 -9.57
N ALA A 180 9.45 18.71 -8.77
CA ALA A 180 10.49 17.71 -8.98
C ALA A 180 10.01 16.30 -8.62
N ILE A 181 9.15 16.22 -7.60
CA ILE A 181 8.56 14.95 -7.14
C ILE A 181 7.44 14.51 -8.08
N ALA A 182 6.62 15.49 -8.50
CA ALA A 182 5.48 15.29 -9.43
C ALA A 182 5.89 14.88 -10.84
N LYS A 183 7.09 15.33 -11.26
CA LYS A 183 7.63 14.99 -12.56
C LYS A 183 8.18 13.55 -12.56
N HIS A 184 8.62 13.09 -11.40
CA HIS A 184 9.12 11.72 -11.21
C HIS A 184 7.91 10.77 -11.13
N LYS A 185 6.82 11.27 -10.55
CA LYS A 185 5.60 10.49 -10.41
C LYS A 185 4.77 10.44 -11.70
N ALA A 186 4.93 11.44 -12.56
CA ALA A 186 4.21 11.50 -13.86
C ALA A 186 4.75 10.64 -14.99
N GLY A 187 5.87 9.97 -14.72
CA GLY A 187 6.52 9.01 -15.61
C GLY A 187 5.73 7.69 -15.78
N ILE A 188 4.75 7.42 -14.90
CA ILE A 188 3.89 6.26 -15.04
C ILE A 188 2.69 6.53 -15.97
N ILE A 189 2.50 7.80 -16.36
CA ILE A 189 1.42 8.17 -17.27
C ILE A 189 1.88 7.87 -18.69
N LYS A 190 1.11 7.05 -19.41
CA LYS A 190 1.47 6.65 -20.78
C LYS A 190 0.42 7.07 -21.80
N ARG A 191 0.82 7.06 -23.09
CA ARG A 191 0.01 7.49 -24.25
C ARG A 191 -1.31 6.80 -24.50
N GLY A 192 -2.41 7.54 -24.31
CA GLY A 192 -3.78 7.05 -24.49
C GLY A 192 -4.39 6.29 -23.30
N ILE A 193 -3.56 6.02 -22.29
CA ILE A 193 -3.93 5.30 -21.09
C ILE A 193 -4.38 6.33 -20.07
N PRO A 194 -5.60 6.13 -19.58
CA PRO A 194 -6.25 7.00 -18.59
C PRO A 194 -5.56 7.01 -17.24
N VAL A 195 -5.57 8.18 -16.62
CA VAL A 195 -4.95 8.37 -15.33
C VAL A 195 -6.01 8.85 -14.34
N VAL A 196 -6.05 8.20 -13.19
CA VAL A 196 -7.02 8.54 -12.17
C VAL A 196 -6.19 9.11 -11.05
N THR A 197 -6.50 10.33 -10.67
CA THR A 197 -5.71 10.95 -9.62
C THR A 197 -6.55 11.47 -8.47
N GLY A 198 -5.86 11.96 -7.45
CA GLY A 198 -6.51 12.58 -6.29
C GLY A 198 -6.59 14.10 -6.58
N ASN A 199 -7.05 14.90 -5.61
CA ASN A 199 -7.11 16.34 -5.84
C ASN A 199 -5.76 16.90 -5.50
N LEU A 200 -4.92 16.97 -6.52
CA LEU A 200 -3.54 17.40 -6.37
C LEU A 200 -3.37 18.89 -6.12
N VAL A 201 -2.29 19.20 -5.42
CA VAL A 201 -1.87 20.56 -5.09
C VAL A 201 -1.34 21.16 -6.38
N PRO A 202 -1.61 22.48 -6.55
CA PRO A 202 -1.30 23.30 -7.75
C PRO A 202 -0.07 23.08 -8.63
N ASP A 203 1.05 22.80 -7.98
CA ASP A 203 2.31 22.50 -8.64
C ASP A 203 2.33 21.07 -9.17
N ALA A 204 1.64 20.17 -8.46
CA ALA A 204 1.58 18.76 -8.88
C ALA A 204 0.57 18.59 -10.00
N ALA A 205 -0.49 19.39 -9.91
CA ALA A 205 -1.60 19.40 -10.88
C ALA A 205 -1.21 19.97 -12.22
N ALA A 206 -0.28 20.95 -12.18
CA ALA A 206 0.25 21.60 -13.38
C ALA A 206 1.18 20.65 -14.14
N VAL A 207 1.88 19.81 -13.38
CA VAL A 207 2.79 18.79 -13.90
C VAL A 207 1.97 17.65 -14.54
N VAL A 208 0.83 17.34 -13.93
CA VAL A 208 -0.07 16.29 -14.43
C VAL A 208 -0.86 16.71 -15.66
N ALA A 209 -1.28 17.99 -15.69
CA ALA A 209 -2.01 18.61 -16.80
C ALA A 209 -1.21 18.71 -18.11
N ALA A 210 0.08 18.98 -17.97
CA ALA A 210 0.99 19.09 -19.13
C ALA A 210 1.42 17.75 -19.66
N LYS A 211 1.48 16.76 -18.77
CA LYS A 211 1.87 15.40 -19.13
C LYS A 211 0.74 14.71 -19.86
N VAL A 212 -0.50 14.93 -19.39
CA VAL A 212 -1.66 14.35 -20.05
C VAL A 212 -2.10 15.02 -21.36
N ALA A 213 -1.58 16.23 -21.60
CA ALA A 213 -1.81 16.99 -22.83
C ALA A 213 -0.81 16.47 -23.87
N THR A 214 0.31 15.95 -23.38
CA THR A 214 1.36 15.35 -24.19
C THR A 214 0.97 13.93 -24.59
N THR A 215 0.58 13.11 -23.61
CA THR A 215 0.19 11.72 -23.86
C THR A 215 -1.18 11.52 -24.49
N GLY A 216 -2.07 12.49 -24.32
CA GLY A 216 -3.43 12.40 -24.87
C GLY A 216 -4.35 11.56 -24.00
N SER A 217 -3.97 11.42 -22.73
CA SER A 217 -4.69 10.61 -21.75
C SER A 217 -5.95 11.26 -21.21
N GLN A 218 -6.89 10.41 -20.82
CA GLN A 218 -8.12 10.86 -20.18
C GLN A 218 -7.73 11.00 -18.71
N TRP A 219 -8.05 12.14 -18.11
CA TRP A 219 -7.69 12.39 -16.72
C TRP A 219 -8.94 12.50 -15.87
N LEU A 220 -9.07 11.58 -14.91
CA LEU A 220 -10.19 11.58 -13.98
C LEU A 220 -9.67 12.01 -12.61
N ARG A 221 -10.14 13.15 -12.17
CA ARG A 221 -9.68 13.73 -10.91
C ARG A 221 -10.70 13.82 -9.79
N PHE A 222 -10.20 13.56 -8.58
CA PHE A 222 -10.94 13.58 -7.32
C PHE A 222 -11.39 15.01 -7.07
N ASP A 223 -12.69 15.12 -6.82
CA ASP A 223 -13.45 16.35 -6.61
C ASP A 223 -13.80 17.11 -7.88
N ARG A 224 -13.54 16.49 -9.01
CA ARG A 224 -13.86 17.06 -10.31
C ARG A 224 -14.70 16.06 -11.07
N ASP A 225 -14.14 14.88 -11.35
CA ASP A 225 -14.86 13.87 -12.10
C ASP A 225 -15.57 12.85 -11.23
N PHE A 226 -15.10 12.71 -10.00
CA PHE A 226 -15.66 11.78 -9.05
C PHE A 226 -15.48 12.37 -7.68
N SER A 227 -16.36 12.00 -6.74
CA SER A 227 -16.29 12.54 -5.37
C SER A 227 -17.02 11.71 -4.31
N VAL A 228 -16.85 12.11 -3.05
CA VAL A 228 -17.54 11.49 -1.91
C VAL A 228 -18.38 12.59 -1.20
N PRO A 229 -19.64 12.74 -1.61
CA PRO A 229 -20.53 13.76 -1.06
C PRO A 229 -21.01 13.56 0.39
N LYS A 230 -21.00 12.31 0.85
CA LYS A 230 -21.42 12.00 2.20
C LYS A 230 -20.49 10.97 2.76
N ALA A 231 -20.08 11.17 4.02
CA ALA A 231 -19.17 10.26 4.70
C ALA A 231 -19.28 10.42 6.18
N LYS A 232 -19.40 9.31 6.89
CA LYS A 232 -19.47 9.34 8.34
C LYS A 232 -18.98 8.02 8.90
N LEU A 233 -18.59 8.05 10.17
CA LEU A 233 -18.10 6.89 10.88
C LEU A 233 -19.24 5.95 11.23
N HIS A 234 -18.97 4.66 11.16
CA HIS A 234 -19.97 3.65 11.44
C HIS A 234 -19.26 2.39 11.96
N GLY A 235 -19.15 2.34 13.29
CA GLY A 235 -18.47 1.27 13.99
C GLY A 235 -16.99 1.61 13.88
N TRP A 236 -16.19 0.60 13.53
CA TRP A 236 -14.75 0.77 13.28
C TRP A 236 -14.63 0.69 11.75
N GLY A 237 -15.06 1.77 11.10
CA GLY A 237 -15.05 1.86 9.66
C GLY A 237 -15.91 3.04 9.28
N GLN A 238 -16.11 3.24 7.99
CA GLN A 238 -16.88 4.38 7.53
C GLN A 238 -17.99 4.05 6.54
N ARG A 239 -19.10 4.77 6.61
CA ARG A 239 -20.18 4.56 5.66
C ARG A 239 -20.14 5.81 4.80
N PHE A 240 -20.13 5.62 3.49
CA PHE A 240 -20.01 6.73 2.56
C PHE A 240 -20.75 6.55 1.24
N THR A 241 -20.83 7.64 0.50
CA THR A 241 -21.49 7.69 -0.80
C THR A 241 -20.51 8.17 -1.86
N TYR A 242 -20.40 7.41 -2.96
CA TYR A 242 -19.50 7.75 -4.05
C TYR A 242 -20.35 8.30 -5.19
N GLU A 243 -19.82 9.30 -5.89
CA GLU A 243 -20.52 9.82 -7.04
C GLU A 243 -19.57 10.05 -8.19
N ASP A 244 -20.02 9.75 -9.39
CA ASP A 244 -19.27 10.03 -10.60
C ASP A 244 -20.19 10.48 -11.74
N GLN A 245 -19.77 10.24 -12.98
CA GLN A 245 -20.57 10.59 -14.15
C GLN A 245 -21.65 9.57 -14.46
N ASP A 246 -21.54 8.38 -13.89
CA ASP A 246 -22.52 7.33 -14.10
C ASP A 246 -23.58 7.37 -13.01
N GLY A 247 -23.35 8.17 -11.98
CA GLY A 247 -24.30 8.31 -10.88
C GLY A 247 -23.71 8.10 -9.50
N ARG A 248 -24.57 7.71 -8.57
CA ARG A 248 -24.17 7.49 -7.20
C ARG A 248 -24.29 6.05 -6.73
N ILE A 249 -23.40 5.68 -5.83
CA ILE A 249 -23.43 4.38 -5.17
C ILE A 249 -23.39 4.81 -3.73
N SER A 250 -24.56 4.83 -3.12
CA SER A 250 -24.69 5.29 -1.77
C SER A 250 -24.61 4.16 -0.76
N ASP A 251 -24.24 4.58 0.45
CA ASP A 251 -24.10 3.74 1.63
C ASP A 251 -23.13 2.60 1.50
N LEU A 252 -21.96 2.95 0.97
CA LEU A 252 -20.90 2.01 0.77
C LEU A 252 -20.19 2.01 2.11
N GLU A 253 -19.66 0.84 2.48
CA GLU A 253 -18.97 0.67 3.75
C GLU A 253 -17.58 0.06 3.58
N VAL A 254 -16.61 0.61 4.30
CA VAL A 254 -15.24 0.10 4.29
C VAL A 254 -14.84 -0.02 5.77
N PRO A 255 -13.99 -0.99 6.11
CA PRO A 255 -13.59 -1.15 7.53
C PRO A 255 -12.27 -0.46 7.81
N LEU A 256 -12.18 0.81 7.45
CA LEU A 256 -11.00 1.64 7.61
C LEU A 256 -11.44 2.97 8.16
N VAL A 257 -10.72 3.44 9.15
CA VAL A 257 -11.02 4.70 9.79
C VAL A 257 -10.01 5.73 9.28
N GLY A 258 -10.39 7.01 9.32
CA GLY A 258 -9.55 8.10 8.84
C GLY A 258 -10.24 8.74 7.64
N ASP A 259 -10.35 10.06 7.64
CA ASP A 259 -11.01 10.86 6.57
C ASP A 259 -10.28 10.87 5.22
N TYR A 260 -8.98 10.57 5.25
CA TYR A 260 -8.10 10.49 4.08
C TYR A 260 -8.40 9.22 3.26
N GLN A 261 -8.97 8.21 3.93
CA GLN A 261 -9.38 6.97 3.33
C GLN A 261 -10.61 7.06 2.43
N GLN A 262 -11.34 8.18 2.51
CA GLN A 262 -12.50 8.51 1.67
C GLN A 262 -11.97 8.82 0.28
N ARG A 263 -10.81 9.49 0.18
CA ARG A 263 -10.25 9.73 -1.12
C ARG A 263 -9.55 8.55 -1.79
N ASN A 264 -9.00 7.65 -0.97
CA ASN A 264 -8.31 6.43 -1.46
C ASN A 264 -9.31 5.38 -2.02
N MET A 265 -10.48 5.31 -1.39
CA MET A 265 -11.55 4.38 -1.77
C MET A 265 -12.26 4.86 -3.00
N ALA A 266 -12.38 6.19 -3.10
CA ALA A 266 -13.00 6.87 -4.24
C ALA A 266 -12.13 6.77 -5.48
N ILE A 267 -10.81 6.80 -5.28
CA ILE A 267 -9.79 6.64 -6.32
C ILE A 267 -9.80 5.18 -6.79
N ALA A 268 -9.97 4.25 -5.84
CA ALA A 268 -10.04 2.79 -6.04
C ALA A 268 -11.26 2.30 -6.81
N ILE A 269 -12.40 2.96 -6.53
CA ILE A 269 -13.68 2.68 -7.18
C ILE A 269 -13.68 3.18 -8.63
N GLN A 270 -13.17 4.41 -8.83
CA GLN A 270 -13.07 5.06 -10.14
C GLN A 270 -12.13 4.37 -11.11
N THR A 271 -11.01 3.87 -10.56
CA THR A 271 -9.97 3.12 -11.26
C THR A 271 -10.45 1.74 -11.77
N ALA A 272 -11.21 1.06 -10.91
CA ALA A 272 -11.84 -0.26 -11.16
C ALA A 272 -12.90 -0.19 -12.25
N LYS A 273 -13.62 0.94 -12.27
CA LYS A 273 -14.64 1.25 -13.26
C LYS A 273 -14.00 1.62 -14.60
N VAL A 274 -12.82 2.22 -14.54
CA VAL A 274 -12.06 2.60 -15.73
C VAL A 274 -11.40 1.37 -16.33
N TYR A 275 -11.02 0.42 -15.47
CA TYR A 275 -10.43 -0.87 -15.89
C TYR A 275 -11.47 -1.73 -16.65
N ALA A 276 -12.64 -1.92 -16.03
CA ALA A 276 -13.77 -2.69 -16.58
C ALA A 276 -14.36 -2.21 -17.93
N LYS A 277 -14.37 -0.89 -18.11
CA LYS A 277 -14.86 -0.22 -19.32
C LYS A 277 -13.87 -0.36 -20.45
N GLN A 278 -12.60 -0.38 -20.10
CA GLN A 278 -11.49 -0.48 -21.06
C GLN A 278 -11.30 -1.90 -21.55
N THR A 279 -11.67 -2.87 -20.73
CA THR A 279 -11.46 -4.27 -21.07
C THR A 279 -12.75 -4.99 -21.40
N GLU A 280 -13.85 -4.24 -21.32
CA GLU A 280 -15.23 -4.66 -21.57
C GLU A 280 -15.70 -5.74 -20.60
N TRP A 281 -15.30 -5.54 -19.35
CA TRP A 281 -15.60 -6.46 -18.27
C TRP A 281 -16.78 -5.88 -17.55
N PRO A 282 -17.69 -6.74 -17.12
CA PRO A 282 -18.88 -6.29 -16.41
C PRO A 282 -18.56 -6.09 -14.93
N LEU A 283 -18.87 -4.91 -14.43
CA LEU A 283 -18.62 -4.55 -13.03
C LEU A 283 -19.86 -3.91 -12.46
N THR A 284 -20.46 -4.55 -11.48
CA THR A 284 -21.68 -4.00 -10.93
C THR A 284 -21.32 -3.25 -9.67
N PRO A 285 -22.32 -2.58 -9.07
CA PRO A 285 -22.15 -1.86 -7.80
C PRO A 285 -22.07 -2.80 -6.60
N GLN A 286 -22.58 -4.01 -6.81
CA GLN A 286 -22.60 -5.12 -5.88
C GLN A 286 -21.20 -5.65 -5.67
N ASN A 287 -20.40 -5.68 -6.73
CA ASN A 287 -19.00 -6.12 -6.74
C ASN A 287 -18.12 -5.12 -6.00
N ILE A 288 -18.45 -3.84 -6.19
CA ILE A 288 -17.80 -2.68 -5.60
C ILE A 288 -18.08 -2.62 -4.10
N ARG A 289 -19.32 -2.94 -3.74
CA ARG A 289 -19.82 -2.96 -2.37
C ARG A 289 -19.20 -4.08 -1.55
N GLN A 290 -19.15 -5.25 -2.17
CA GLN A 290 -18.60 -6.48 -1.58
C GLN A 290 -17.10 -6.43 -1.48
N GLY A 291 -16.46 -5.86 -2.50
CA GLY A 291 -15.01 -5.70 -2.57
C GLY A 291 -14.51 -4.60 -1.63
N LEU A 292 -15.34 -3.60 -1.33
CA LEU A 292 -14.94 -2.54 -0.39
C LEU A 292 -15.09 -2.98 1.05
N ALA A 293 -16.01 -3.92 1.28
CA ALA A 293 -16.29 -4.50 2.59
C ALA A 293 -15.16 -5.42 3.05
N ALA A 294 -14.50 -6.06 2.07
CA ALA A 294 -13.36 -6.95 2.27
C ALA A 294 -12.03 -6.19 2.30
N SER A 295 -12.05 -4.87 2.09
CA SER A 295 -10.83 -4.05 2.04
C SER A 295 -10.08 -3.70 3.33
N HIS A 296 -9.65 -4.75 4.04
CA HIS A 296 -8.90 -4.62 5.27
C HIS A 296 -7.47 -4.35 4.94
N TRP A 297 -6.89 -3.45 5.69
CA TRP A 297 -5.52 -3.07 5.46
C TRP A 297 -4.87 -3.07 6.84
N PRO A 298 -4.11 -4.13 7.09
CA PRO A 298 -3.41 -4.42 8.36
C PRO A 298 -2.43 -3.39 8.84
N ALA A 299 -2.49 -3.14 10.16
CA ALA A 299 -1.64 -2.21 10.89
C ALA A 299 -1.75 -0.72 10.59
N ARG A 300 -2.89 -0.30 10.04
CA ARG A 300 -3.12 1.10 9.73
C ARG A 300 -4.41 1.42 10.44
N LEU A 301 -4.29 1.71 11.76
CA LEU A 301 -5.38 1.99 12.72
C LEU A 301 -6.31 0.80 12.84
N GLU A 302 -5.68 -0.35 12.97
CA GLU A 302 -6.38 -1.60 12.97
C GLU A 302 -6.64 -1.96 14.40
N LYS A 303 -7.88 -2.25 14.73
CA LYS A 303 -8.21 -2.68 16.07
C LYS A 303 -7.98 -4.18 16.02
N ILE A 304 -7.01 -4.68 16.79
CA ILE A 304 -6.69 -6.09 16.75
C ILE A 304 -7.26 -6.89 17.91
N SER A 305 -7.78 -6.22 18.91
CA SER A 305 -8.31 -6.95 20.04
C SER A 305 -9.45 -6.21 20.68
N ASP A 306 -10.54 -6.92 20.95
CA ASP A 306 -11.71 -6.32 21.57
C ASP A 306 -11.52 -6.23 23.07
N THR A 307 -11.22 -7.37 23.69
CA THR A 307 -11.03 -7.45 25.12
C THR A 307 -9.70 -8.15 25.35
N PRO A 308 -8.65 -7.40 25.72
CA PRO A 308 -8.66 -5.95 26.01
C PRO A 308 -8.59 -5.14 24.73
N LEU A 309 -8.94 -3.86 24.78
CA LEU A 309 -8.94 -3.05 23.57
C LEU A 309 -7.56 -2.60 23.15
N ILE A 310 -7.12 -3.17 22.04
CA ILE A 310 -5.82 -2.91 21.46
C ILE A 310 -5.91 -2.54 19.97
N VAL A 311 -5.34 -1.39 19.63
CA VAL A 311 -5.29 -0.88 18.27
C VAL A 311 -3.81 -0.68 17.89
N ILE A 312 -3.45 -1.07 16.67
CA ILE A 312 -2.06 -0.90 16.20
C ILE A 312 -2.10 0.04 15.00
N ASP A 313 -1.04 0.83 14.83
CA ASP A 313 -0.98 1.81 13.76
C ASP A 313 0.48 2.18 13.44
N GLY A 314 0.76 2.51 12.18
CA GLY A 314 2.10 2.91 11.78
C GLY A 314 2.22 4.37 11.28
N ALA A 315 1.69 5.34 12.05
CA ALA A 315 1.79 6.78 11.72
C ALA A 315 3.17 7.15 12.21
N HIS A 316 3.99 7.76 11.37
CA HIS A 316 5.38 8.02 11.74
C HIS A 316 5.92 9.42 11.51
N ASN A 317 5.11 10.24 10.87
CA ASN A 317 5.46 11.62 10.60
C ASN A 317 4.60 12.40 11.59
N PRO A 318 4.69 13.73 11.57
CA PRO A 318 3.86 14.54 12.44
C PRO A 318 2.48 14.77 11.82
N ASP A 319 2.39 14.54 10.51
CA ASP A 319 1.19 14.59 9.68
C ASP A 319 0.35 13.37 10.03
N GLY A 320 1.08 12.27 10.22
CA GLY A 320 0.56 10.99 10.62
C GLY A 320 0.12 11.04 12.08
N ILE A 321 0.85 11.80 12.92
CA ILE A 321 0.55 11.98 14.34
C ILE A 321 -0.68 12.89 14.52
N ASN A 322 -0.77 13.93 13.70
CA ASN A 322 -1.88 14.90 13.71
C ASN A 322 -3.19 14.33 13.14
N GLY A 323 -3.06 13.44 12.16
CA GLY A 323 -4.20 12.77 11.54
C GLY A 323 -4.69 11.61 12.41
N LEU A 324 -3.79 11.07 13.25
CA LEU A 324 -4.08 9.97 14.17
C LEU A 324 -4.88 10.48 15.35
N ILE A 325 -4.37 11.60 15.91
CA ILE A 325 -4.89 12.32 17.09
C ILE A 325 -6.35 12.71 16.96
N THR A 326 -6.73 13.21 15.79
CA THR A 326 -8.12 13.56 15.50
C THR A 326 -8.97 12.33 15.15
N ALA A 327 -8.31 11.26 14.69
CA ALA A 327 -9.00 10.01 14.35
C ALA A 327 -9.30 9.25 15.64
N LEU A 328 -8.38 9.37 16.59
CA LEU A 328 -8.47 8.75 17.92
C LEU A 328 -9.48 9.48 18.78
N LYS A 329 -9.61 10.78 18.53
CA LYS A 329 -10.54 11.68 19.20
C LYS A 329 -11.96 11.40 18.73
N GLN A 330 -12.07 11.02 17.45
CA GLN A 330 -13.32 10.66 16.79
C GLN A 330 -13.85 9.32 17.29
N LEU A 331 -12.94 8.40 17.60
CA LEU A 331 -13.32 7.07 18.07
C LEU A 331 -13.38 6.92 19.58
N PHE A 332 -12.57 7.69 20.29
CA PHE A 332 -12.55 7.57 21.74
C PHE A 332 -12.89 8.83 22.53
N SER A 333 -13.88 8.70 23.40
CA SER A 333 -14.31 9.81 24.25
C SER A 333 -13.96 9.48 25.70
N GLN A 334 -13.19 8.41 25.88
CA GLN A 334 -12.74 7.95 27.20
C GLN A 334 -11.24 8.03 27.14
N PRO A 335 -10.58 7.92 28.29
CA PRO A 335 -9.11 7.99 28.35
C PRO A 335 -8.42 6.69 27.88
N ILE A 336 -7.31 6.85 27.15
CA ILE A 336 -6.57 5.70 26.64
C ILE A 336 -5.09 5.81 26.93
N THR A 337 -4.42 4.69 26.77
CA THR A 337 -3.00 4.64 26.93
C THR A 337 -2.51 4.65 25.50
N VAL A 338 -1.47 5.43 25.22
CA VAL A 338 -0.90 5.48 23.89
C VAL A 338 0.56 5.06 24.01
N ILE A 339 0.99 4.06 23.24
CA ILE A 339 2.38 3.63 23.31
C ILE A 339 3.03 4.12 22.03
N ALA A 340 4.06 4.96 22.18
CA ALA A 340 4.73 5.56 21.03
C ALA A 340 6.18 5.13 20.81
N GLY A 341 6.46 4.69 19.58
CA GLY A 341 7.78 4.22 19.17
C GLY A 341 8.80 5.34 18.94
N TYR A 348 10.19 14.08 16.50
CA TYR A 348 10.78 13.34 17.61
C TYR A 348 10.11 13.75 18.92
N ALA A 349 10.56 14.88 19.46
CA ALA A 349 10.03 15.45 20.71
C ALA A 349 8.84 16.36 20.41
N ALA A 350 8.65 16.67 19.13
CA ALA A 350 7.55 17.47 18.66
C ALA A 350 6.35 16.55 18.43
N MET A 351 6.64 15.28 18.11
CA MET A 351 5.61 14.27 17.89
C MET A 351 5.12 13.79 19.25
N ALA A 352 6.05 13.72 20.20
CA ALA A 352 5.77 13.31 21.56
C ALA A 352 5.11 14.40 22.42
N ASP A 353 5.22 15.66 22.00
CA ASP A 353 4.62 16.77 22.77
C ASP A 353 3.15 16.91 22.47
N ARG A 354 2.75 16.52 21.26
CA ARG A 354 1.35 16.59 20.84
C ARG A 354 0.57 15.38 21.37
N LEU A 355 1.29 14.28 21.65
CA LEU A 355 0.70 13.06 22.17
C LEU A 355 0.38 13.20 23.66
N THR A 356 1.30 13.85 24.38
CA THR A 356 1.21 14.10 25.82
C THR A 356 0.17 15.17 26.16
N ALA A 357 -0.01 16.11 25.25
CA ALA A 357 -0.97 17.18 25.43
C ALA A 357 -2.40 16.75 25.08
N ALA A 358 -2.52 15.67 24.31
CA ALA A 358 -3.83 15.17 23.90
C ALA A 358 -4.31 13.94 24.66
N PHE A 359 -3.38 13.11 25.15
CA PHE A 359 -3.73 11.87 25.86
C PHE A 359 -3.29 11.68 27.31
N SER A 360 -3.91 10.67 27.92
CA SER A 360 -3.73 10.24 29.30
C SER A 360 -2.35 9.66 29.59
N THR A 361 -2.27 8.34 29.55
CA THR A 361 -1.00 7.66 29.79
C THR A 361 -0.30 7.61 28.45
N VAL A 362 0.96 8.01 28.42
CA VAL A 362 1.71 7.96 27.18
C VAL A 362 3.06 7.30 27.48
N TYR A 363 3.39 6.26 26.73
CA TYR A 363 4.63 5.56 26.93
C TYR A 363 5.49 5.68 25.71
N LEU A 364 6.76 5.98 25.94
CA LEU A 364 7.71 6.12 24.84
C LEU A 364 8.62 4.93 24.95
N VAL A 365 8.61 4.10 23.93
CA VAL A 365 9.42 2.91 23.92
C VAL A 365 10.26 2.99 22.65
N PRO A 366 11.21 2.07 22.50
CA PRO A 366 12.07 2.02 21.33
C PRO A 366 11.44 1.27 20.17
N VAL A 367 11.80 1.60 18.94
CA VAL A 367 11.28 0.89 17.77
C VAL A 367 12.28 -0.25 17.57
N PRO A 368 11.78 -1.47 17.34
CA PRO A 368 12.61 -2.66 17.21
C PRO A 368 13.71 -2.89 16.14
N GLY A 369 13.62 -2.23 14.99
CA GLY A 369 14.64 -2.38 13.95
C GLY A 369 15.55 -1.14 13.85
N THR A 370 15.58 -0.35 14.92
CA THR A 370 16.35 0.89 15.04
C THR A 370 17.48 0.68 16.08
N PRO A 371 18.16 1.75 16.51
CA PRO A 371 19.20 1.64 17.53
C PRO A 371 18.98 2.32 18.89
N ARG A 372 19.66 3.45 19.10
CA ARG A 372 19.59 4.19 20.36
C ARG A 372 18.48 5.24 20.40
N GLY A 385 6.00 12.40 29.08
CA GLY A 385 6.19 11.08 28.50
C GLY A 385 6.91 10.10 29.43
N ARG A 386 6.30 8.95 29.64
CA ARG A 386 6.90 7.92 30.48
C ARG A 386 7.71 6.99 29.59
N LEU A 387 8.90 6.64 30.08
CA LEU A 387 9.81 5.80 29.33
C LEU A 387 9.77 4.33 29.72
N LYS A 388 9.78 3.47 28.71
CA LYS A 388 9.81 2.03 28.92
C LYS A 388 10.92 1.56 28.01
N ASP A 389 11.55 0.45 28.36
CA ASP A 389 12.65 -0.08 27.57
C ASP A 389 12.19 -0.90 26.34
N SER A 390 10.91 -1.27 26.33
CA SER A 390 10.31 -2.03 25.25
C SER A 390 8.81 -1.77 25.28
N TRP A 391 8.12 -2.20 24.23
CA TRP A 391 6.69 -2.04 24.10
C TRP A 391 5.91 -3.03 24.94
N GLN A 392 6.56 -4.14 25.27
CA GLN A 392 6.02 -5.22 26.08
C GLN A 392 5.93 -4.81 27.53
N GLU A 393 6.88 -3.97 27.97
CA GLU A 393 6.96 -3.45 29.33
C GLU A 393 5.88 -2.38 29.52
N ALA A 394 5.60 -1.63 28.46
CA ALA A 394 4.59 -0.58 28.47
C ALA A 394 3.17 -1.14 28.38
N LEU A 395 3.02 -2.23 27.62
CA LEU A 395 1.73 -2.91 27.44
C LEU A 395 1.32 -3.71 28.68
N ALA A 396 2.32 -4.26 29.37
CA ALA A 396 2.10 -5.06 30.59
C ALA A 396 1.74 -4.16 31.74
N ALA A 397 2.35 -2.97 31.76
CA ALA A 397 2.14 -1.92 32.76
C ALA A 397 0.75 -1.35 32.72
N SER A 398 0.27 -1.07 31.50
CA SER A 398 -1.06 -0.50 31.27
C SER A 398 -2.19 -1.48 31.58
N LEU A 399 -1.96 -2.76 31.26
CA LEU A 399 -2.92 -3.84 31.49
C LEU A 399 -3.03 -4.24 32.97
N ASN A 400 -1.92 -4.05 33.67
CA ASN A 400 -1.81 -4.32 35.10
C ASN A 400 -2.41 -3.18 35.91
N ASP A 401 -2.14 -1.94 35.49
CA ASP A 401 -2.63 -0.74 36.20
C ASP A 401 -4.09 -0.45 35.98
N VAL A 402 -4.47 -0.35 34.72
CA VAL A 402 -5.86 -0.06 34.39
C VAL A 402 -6.26 -1.00 33.25
N PRO A 403 -6.81 -2.17 33.60
CA PRO A 403 -7.18 -3.19 32.61
C PRO A 403 -8.28 -2.90 31.57
N ASP A 404 -9.22 -2.02 31.90
CA ASP A 404 -10.30 -1.66 30.98
C ASP A 404 -9.95 -0.54 30.02
N GLN A 405 -8.79 0.07 30.20
CA GLN A 405 -8.35 1.17 29.34
C GLN A 405 -7.78 0.67 28.02
N PRO A 406 -8.21 1.33 26.92
CA PRO A 406 -7.75 1.01 25.58
C PRO A 406 -6.31 1.47 25.38
N ILE A 407 -5.59 0.67 24.61
CA ILE A 407 -4.19 0.90 24.34
C ILE A 407 -4.01 1.06 22.86
N VAL A 408 -3.35 2.14 22.45
CA VAL A 408 -3.07 2.39 21.05
C VAL A 408 -1.55 2.34 20.94
N ILE A 409 -1.05 1.57 19.98
CA ILE A 409 0.38 1.46 19.75
C ILE A 409 0.62 2.16 18.43
N THR A 410 1.50 3.14 18.42
CA THR A 410 1.75 3.88 17.20
C THR A 410 3.18 4.37 17.14
N GLY A 411 3.55 5.08 16.08
CA GLY A 411 4.93 5.58 15.98
C GLY A 411 5.77 5.02 14.82
N SER A 412 5.52 3.77 14.45
CA SER A 412 6.28 3.12 13.39
C SER A 412 5.48 1.94 12.84
N LEU A 413 5.69 1.60 11.58
CA LEU A 413 5.01 0.45 10.97
C LEU A 413 5.76 -0.82 11.27
N TYR A 414 7.04 -0.66 11.57
CA TYR A 414 7.92 -1.76 11.93
C TYR A 414 7.67 -2.19 13.38
N LEU A 415 7.25 -1.24 14.23
CA LEU A 415 6.93 -1.51 15.63
C LEU A 415 5.54 -2.14 15.65
N ALA A 416 4.67 -1.61 14.79
CA ALA A 416 3.28 -2.05 14.62
C ALA A 416 3.16 -3.46 14.04
N SER A 417 4.10 -3.80 13.15
CA SER A 417 4.13 -5.14 12.57
C SER A 417 4.75 -6.14 13.52
N ALA A 418 5.61 -5.67 14.45
CA ALA A 418 6.25 -6.49 15.48
C ALA A 418 5.25 -6.90 16.55
N VAL A 419 4.31 -6.02 16.83
CA VAL A 419 3.25 -6.23 17.81
C VAL A 419 2.21 -7.18 17.21
N ARG A 420 1.97 -7.01 15.91
CA ARG A 420 1.00 -7.83 15.17
C ARG A 420 1.48 -9.24 14.90
N GLN A 421 2.78 -9.40 14.76
CA GLN A 421 3.41 -10.70 14.56
C GLN A 421 3.46 -11.47 15.88
N THR A 422 3.59 -10.72 16.97
CA THR A 422 3.63 -11.28 18.31
C THR A 422 2.24 -11.64 18.83
N LEU A 423 1.31 -10.69 18.76
CA LEU A 423 -0.04 -10.89 19.26
C LEU A 423 -1.02 -11.70 18.39
N LEU A 424 -0.64 -12.00 17.16
CA LEU A 424 -1.54 -12.76 16.29
C LEU A 424 -0.90 -13.91 15.53
N GLY A 425 0.42 -13.92 15.44
CA GLY A 425 1.13 -14.96 14.68
C GLY A 425 1.77 -16.07 15.49
MG MG B . 2.45 0.51 0.65
P1 POP C . -0.43 3.42 2.19
O1 POP C . 0.74 2.90 1.38
O2 POP C . -0.56 2.69 3.50
O3 POP C . -1.69 3.22 1.44
O POP C . -0.17 4.96 2.46
P2 POP C . 0.75 5.62 3.58
O4 POP C . 2.09 6.01 3.01
O5 POP C . 0.06 6.86 4.10
O6 POP C . 0.98 4.59 4.78
#